data_5H0H
#
_entry.id   5H0H
#
_cell.length_a   43.113
_cell.length_b   85.623
_cell.length_c   129.010
_cell.angle_alpha   90.000
_cell.angle_beta   90.000
_cell.angle_gamma   90.000
#
_symmetry.space_group_name_H-M   'P 21 21 21'
#
loop_
_entity.id
_entity.type
_entity.pdbx_description
1 polymer 'Tyrosine-protein kinase HCK'
2 non-polymer (2~{S})-2-[[4-[4-azanyl-5-(4-phenoxyphenyl)pyrrolo[2,3-d]pyrimidin-7-yl]cyclohexyl]amino]-~{N},~{N},4-trimethyl-pentanamide
3 water water
#
_entity_poly.entity_id   1
_entity_poly.type   'polypeptide(L)'
_entity_poly.pdbx_seq_one_letter_code
;GAMGSGIRIIVVALYDYEAIHHEDLSFQKGDQMVVLEESGEWWKARSLATRKEGYIPSNYVARVDSLETEEWFFKGISRK
DAERQLLAPGNMLGSFMIRDSETTKGSYSLSVRDYDPRQGDTVKHYKIRTLDNGGFYISPRSTFSTLQELVDHYKKGNDG
LCQKLSVPCMSSKPQKPWEKDAWEIPRESLKLEKKLGAGQFGEVWMATYNKHTKVAVKTMKPGSMSVEAFLAEANVMKTL
QHDKLVKLHAVVTKEPIYIITEFMAKGSLLDFLKSDEGSKQPLPKLIDFSAQIAEGMAFIEQRNYIHRDLRAANILVSAS
LVCKIADFGLARVIEDNEYTAREGAKFPIKWTAPEAINFGSFTIKSDVWSFGILLMEIVTYGRIPYPGMSNPEVIRALER
GYRMPRPENCPEELYNIMMRCWKNRPEERPTFEYIQSVLDDFYTATESQ(PTR)EEIP
;
_entity_poly.pdbx_strand_id   A
#
# COMPACT_ATOMS: atom_id res chain seq x y z
N ARG A 8 -6.35 35.10 -3.87
CA ARG A 8 -7.49 34.41 -3.27
C ARG A 8 -7.64 32.99 -3.80
N ILE A 9 -7.88 32.05 -2.90
CA ILE A 9 -8.11 30.64 -3.27
C ILE A 9 -9.12 30.00 -2.30
N ILE A 10 -10.10 29.30 -2.85
CA ILE A 10 -11.21 28.79 -2.07
C ILE A 10 -11.35 27.27 -2.16
N VAL A 11 -11.77 26.65 -1.05
CA VAL A 11 -12.00 25.20 -1.01
C VAL A 11 -13.26 24.84 -0.22
N VAL A 12 -13.64 23.57 -0.28
CA VAL A 12 -14.85 23.07 0.38
C VAL A 12 -14.56 21.77 1.13
N ALA A 13 -15.14 21.59 2.31
CA ALA A 13 -14.91 20.40 3.12
C ALA A 13 -15.63 19.18 2.55
N LEU A 14 -15.16 17.99 2.93
CA LEU A 14 -15.70 16.73 2.40
C LEU A 14 -16.24 15.78 3.46
N TYR A 15 -15.48 15.60 4.54
CA TYR A 15 -15.83 14.60 5.55
C TYR A 15 -16.16 15.23 6.91
N ASP A 16 -16.35 14.37 7.90
CA ASP A 16 -16.60 14.82 9.28
C ASP A 16 -15.30 14.76 10.09
N TYR A 17 -14.93 15.90 10.66
CA TYR A 17 -13.76 16.00 11.53
C TYR A 17 -13.84 17.23 12.41
N GLU A 18 -13.62 17.01 13.70
CA GLU A 18 -13.51 18.12 14.65
C GLU A 18 -12.14 18.08 15.32
N ALA A 19 -11.86 19.08 16.14
CA ALA A 19 -10.53 19.25 16.74
C ALA A 19 -10.03 18.03 17.48
N ILE A 20 -8.77 17.69 17.24
CA ILE A 20 -8.07 16.66 17.98
C ILE A 20 -6.87 17.30 18.66
N HIS A 21 -6.37 18.36 18.03
CA HIS A 21 -5.29 19.15 18.61
C HIS A 21 -5.85 20.43 19.21
N HIS A 22 -5.01 21.45 19.32
CA HIS A 22 -5.41 22.72 19.91
C HIS A 22 -6.07 23.63 18.88
N GLU A 23 -5.29 24.10 17.92
CA GLU A 23 -5.77 25.06 16.93
C GLU A 23 -6.42 24.40 15.71
N ASP A 24 -7.27 23.40 15.95
CA ASP A 24 -8.00 22.76 14.86
C ASP A 24 -9.38 23.39 14.70
N LEU A 25 -10.10 22.98 13.66
CA LEU A 25 -11.43 23.52 13.40
C LEU A 25 -12.50 22.45 13.55
N SER A 26 -13.73 22.81 13.24
CA SER A 26 -14.85 21.88 13.33
C SER A 26 -15.69 21.96 12.06
N PHE A 27 -16.00 20.80 11.48
CA PHE A 27 -16.87 20.76 10.32
C PHE A 27 -17.58 19.42 10.19
N GLN A 28 -18.77 19.45 9.61
CA GLN A 28 -19.57 18.25 9.43
C GLN A 28 -20.27 18.25 8.07
N LYS A 29 -20.04 17.19 7.30
CA LYS A 29 -20.69 16.98 6.00
C LYS A 29 -20.42 18.13 5.02
N GLY A 30 -19.22 18.69 5.09
CA GLY A 30 -18.83 19.75 4.17
C GLY A 30 -19.29 21.13 4.58
N ASP A 31 -18.34 21.96 5.02
CA ASP A 31 -18.63 23.35 5.38
C ASP A 31 -17.80 24.32 4.55
N GLN A 32 -17.62 25.54 5.07
CA GLN A 32 -16.92 26.58 4.34
C GLN A 32 -15.46 26.69 4.76
N MET A 33 -14.56 26.80 3.78
CA MET A 33 -13.13 26.90 4.05
C MET A 33 -12.45 27.89 3.11
N VAL A 34 -11.51 28.67 3.63
CA VAL A 34 -10.68 29.54 2.81
C VAL A 34 -9.21 29.31 3.14
N VAL A 35 -8.52 28.54 2.32
CA VAL A 35 -7.12 28.24 2.56
C VAL A 35 -6.23 29.45 2.32
N LEU A 36 -5.50 29.85 3.34
CA LEU A 36 -4.54 30.95 3.22
C LEU A 36 -3.38 30.49 2.35
N GLU A 37 -2.58 29.58 2.89
CA GLU A 37 -1.53 28.92 2.12
C GLU A 37 -1.31 27.50 2.64
N GLU A 38 -0.51 26.72 1.92
CA GLU A 38 -0.40 25.29 2.18
C GLU A 38 0.71 24.91 3.16
N SER A 39 0.80 23.62 3.45
CA SER A 39 1.92 23.03 4.15
C SER A 39 2.01 21.55 3.75
N GLY A 40 2.50 20.71 4.66
CA GLY A 40 2.66 19.30 4.37
C GLY A 40 1.35 18.58 4.07
N GLU A 41 0.53 18.42 5.11
CA GLU A 41 -0.75 17.74 4.98
C GLU A 41 -1.84 18.56 5.68
N TRP A 42 -1.41 19.59 6.39
CA TRP A 42 -2.32 20.53 7.04
C TRP A 42 -2.31 21.84 6.28
N TRP A 43 -3.47 22.51 6.20
CA TRP A 43 -3.55 23.77 5.48
C TRP A 43 -4.08 24.89 6.38
N LYS A 44 -3.53 26.09 6.17
CA LYS A 44 -3.98 27.27 6.90
C LYS A 44 -5.38 27.65 6.45
N ALA A 45 -6.37 27.36 7.29
CA ALA A 45 -7.78 27.51 6.90
C ALA A 45 -8.44 28.74 7.51
N ARG A 46 -9.31 29.38 6.72
CA ARG A 46 -10.11 30.49 7.19
C ARG A 46 -11.60 30.14 7.04
N SER A 47 -12.30 30.04 8.16
CA SER A 47 -13.68 29.55 8.17
C SER A 47 -14.70 30.61 7.76
N LEU A 48 -14.81 31.66 8.57
CA LEU A 48 -15.77 32.75 8.36
C LEU A 48 -17.23 32.29 8.45
N ALA A 49 -17.45 31.05 8.87
CA ALA A 49 -18.79 30.53 9.09
C ALA A 49 -18.94 30.09 10.54
N THR A 50 -18.00 29.27 10.98
CA THR A 50 -17.87 28.94 12.40
C THR A 50 -16.93 29.97 13.03
N ARG A 51 -16.15 30.63 12.17
CA ARG A 51 -15.22 31.67 12.56
C ARG A 51 -14.16 31.21 13.57
N LYS A 52 -14.05 29.90 13.75
CA LYS A 52 -12.92 29.32 14.44
C LYS A 52 -11.82 29.08 13.40
N GLU A 53 -10.62 29.55 13.68
CA GLU A 53 -9.56 29.48 12.67
C GLU A 53 -8.32 28.76 13.18
N GLY A 54 -7.64 28.07 12.26
CA GLY A 54 -6.47 27.28 12.57
C GLY A 54 -6.08 26.39 11.40
N TYR A 55 -5.81 25.12 11.69
CA TYR A 55 -5.39 24.18 10.64
C TYR A 55 -6.40 23.05 10.46
N ILE A 56 -6.50 22.55 9.23
CA ILE A 56 -7.35 21.40 8.91
C ILE A 56 -6.61 20.41 8.01
N PRO A 57 -7.02 19.14 8.04
CA PRO A 57 -6.44 18.14 7.14
C PRO A 57 -6.76 18.42 5.67
N SER A 58 -5.74 18.57 4.85
CA SER A 58 -5.93 18.90 3.43
C SER A 58 -6.67 17.82 2.66
N ASN A 59 -6.57 16.57 3.11
CA ASN A 59 -7.24 15.46 2.44
C ASN A 59 -8.70 15.32 2.88
N TYR A 60 -9.15 16.23 3.72
CA TYR A 60 -10.54 16.22 4.19
C TYR A 60 -11.37 17.24 3.42
N VAL A 61 -10.74 18.00 2.54
CA VAL A 61 -11.42 19.05 1.81
C VAL A 61 -11.23 18.93 0.29
N ALA A 62 -12.02 19.69 -0.46
CA ALA A 62 -11.96 19.66 -1.92
C ALA A 62 -12.08 21.07 -2.52
N ARG A 63 -11.39 21.29 -3.63
CA ARG A 63 -11.46 22.58 -4.32
C ARG A 63 -12.87 22.81 -4.89
N VAL A 64 -13.23 24.08 -5.02
CA VAL A 64 -14.59 24.46 -5.37
C VAL A 64 -15.03 24.01 -6.75
N ASP A 65 -14.24 24.34 -7.76
CA ASP A 65 -14.64 24.16 -9.15
C ASP A 65 -14.50 22.72 -9.65
N SER A 66 -13.75 21.90 -8.92
CA SER A 66 -13.35 20.59 -9.42
C SER A 66 -14.23 19.43 -8.95
N LEU A 67 -13.88 18.23 -9.42
CA LEU A 67 -14.71 17.04 -9.28
C LEU A 67 -14.60 16.33 -7.93
N GLU A 68 -13.60 16.73 -7.13
CA GLU A 68 -13.31 16.06 -5.87
C GLU A 68 -14.48 16.07 -4.90
N THR A 69 -15.47 16.93 -5.14
CA THR A 69 -16.65 16.99 -4.30
C THR A 69 -17.62 15.84 -4.60
N GLU A 70 -17.53 15.29 -5.79
CA GLU A 70 -18.49 14.27 -6.24
C GLU A 70 -18.23 12.91 -5.62
N GLU A 71 -19.31 12.28 -5.16
CA GLU A 71 -19.21 10.99 -4.49
C GLU A 71 -18.65 9.90 -5.39
N TRP A 72 -18.80 10.07 -6.70
CA TRP A 72 -18.34 9.06 -7.64
C TRP A 72 -16.95 9.35 -8.19
N PHE A 73 -16.34 10.47 -7.78
CA PHE A 73 -15.00 10.77 -8.26
C PHE A 73 -13.93 10.37 -7.26
N PHE A 74 -12.90 9.70 -7.78
CA PHE A 74 -11.82 9.17 -6.97
C PHE A 74 -10.48 9.73 -7.45
N LYS A 75 -10.03 10.82 -6.85
CA LYS A 75 -8.79 11.43 -7.28
C LYS A 75 -7.60 10.66 -6.73
N GLY A 76 -6.53 10.58 -7.52
CA GLY A 76 -5.27 10.07 -7.04
C GLY A 76 -5.14 8.57 -6.99
N ILE A 77 -6.07 7.86 -7.60
CA ILE A 77 -5.97 6.40 -7.56
C ILE A 77 -5.67 5.82 -8.95
N SER A 78 -5.01 4.67 -8.94
CA SER A 78 -4.60 4.01 -10.17
C SER A 78 -5.71 3.11 -10.72
N ARG A 79 -5.53 2.63 -11.94
CA ARG A 79 -6.40 1.60 -12.50
C ARG A 79 -6.47 0.38 -11.60
N LYS A 80 -5.30 -0.12 -11.17
CA LYS A 80 -5.28 -1.29 -10.29
C LYS A 80 -5.95 -1.01 -8.96
N ASP A 81 -5.71 0.19 -8.40
CA ASP A 81 -6.38 0.64 -7.18
C ASP A 81 -7.90 0.61 -7.36
N ALA A 82 -8.35 1.05 -8.53
CA ALA A 82 -9.77 1.17 -8.81
C ALA A 82 -10.39 -0.22 -8.84
N GLU A 83 -9.69 -1.17 -9.45
CA GLU A 83 -10.17 -2.54 -9.52
C GLU A 83 -10.31 -3.14 -8.12
N ARG A 84 -9.27 -2.99 -7.29
CA ARG A 84 -9.33 -3.49 -5.91
C ARG A 84 -10.46 -2.89 -5.10
N GLN A 85 -10.65 -1.59 -5.22
CA GLN A 85 -11.62 -0.89 -4.40
C GLN A 85 -13.03 -1.32 -4.77
N LEU A 86 -13.26 -1.49 -6.07
CA LEU A 86 -14.59 -1.86 -6.56
C LEU A 86 -14.92 -3.31 -6.22
N LEU A 87 -13.92 -4.17 -6.24
CA LEU A 87 -14.15 -5.60 -6.00
C LEU A 87 -14.19 -5.94 -4.51
N ALA A 88 -13.94 -4.95 -3.66
CA ALA A 88 -14.03 -5.17 -2.22
C ALA A 88 -15.45 -5.52 -1.85
N PRO A 89 -15.63 -6.35 -0.81
CA PRO A 89 -16.99 -6.69 -0.39
C PRO A 89 -17.74 -5.43 0.05
N GLY A 90 -19.04 -5.38 -0.24
CA GLY A 90 -19.82 -4.19 0.06
C GLY A 90 -20.23 -3.43 -1.18
N ASN A 91 -19.64 -3.77 -2.33
CA ASN A 91 -20.01 -3.13 -3.58
C ASN A 91 -20.91 -4.04 -4.40
N MET A 92 -21.73 -3.45 -5.25
CA MET A 92 -22.73 -4.22 -5.97
C MET A 92 -22.47 -4.18 -7.47
N LEU A 93 -23.20 -5.01 -8.20
CA LEU A 93 -23.17 -4.98 -9.65
C LEU A 93 -23.41 -3.55 -10.12
N GLY A 94 -22.58 -3.09 -11.05
CA GLY A 94 -22.72 -1.73 -11.55
C GLY A 94 -22.11 -0.66 -10.67
N SER A 95 -21.53 -1.03 -9.53
CA SER A 95 -20.82 -0.04 -8.71
C SER A 95 -19.75 0.60 -9.59
N PHE A 96 -19.47 1.88 -9.37
CA PHE A 96 -18.62 2.56 -10.31
C PHE A 96 -17.82 3.70 -9.70
N MET A 97 -16.85 4.15 -10.48
CA MET A 97 -16.12 5.36 -10.16
C MET A 97 -15.60 6.01 -11.43
N ILE A 98 -15.42 7.32 -11.35
CA ILE A 98 -14.67 8.05 -12.36
C ILE A 98 -13.34 8.43 -11.76
N ARG A 99 -12.28 8.27 -12.55
CA ARG A 99 -10.94 8.58 -12.04
C ARG A 99 -10.16 9.28 -13.13
N ASP A 100 -9.07 9.95 -12.77
CA ASP A 100 -8.18 10.50 -13.78
C ASP A 100 -7.58 9.38 -14.61
N SER A 101 -7.50 9.58 -15.92
CA SER A 101 -6.96 8.58 -16.82
C SER A 101 -5.48 8.34 -16.56
N GLU A 102 -5.07 7.08 -16.62
CA GLU A 102 -3.66 6.74 -16.44
C GLU A 102 -2.88 6.74 -17.76
N THR A 103 -3.61 6.70 -18.88
CA THR A 103 -2.95 6.60 -20.18
C THR A 103 -3.30 7.75 -21.12
N THR A 104 -4.17 8.65 -20.67
CA THR A 104 -4.57 9.82 -21.47
C THR A 104 -4.66 11.03 -20.56
N LYS A 105 -3.55 11.75 -20.41
CA LYS A 105 -3.46 12.86 -19.47
C LYS A 105 -4.55 13.91 -19.69
N GLY A 106 -5.17 14.35 -18.60
CA GLY A 106 -6.19 15.38 -18.66
C GLY A 106 -7.60 14.83 -18.86
N SER A 107 -7.69 13.59 -19.35
CA SER A 107 -8.99 12.96 -19.58
C SER A 107 -9.35 12.01 -18.44
N TYR A 108 -10.43 11.24 -18.63
CA TYR A 108 -10.95 10.44 -17.53
C TYR A 108 -11.27 9.00 -17.92
N SER A 109 -11.44 8.16 -16.92
CA SER A 109 -11.79 6.76 -17.13
C SER A 109 -12.96 6.40 -16.24
N LEU A 110 -13.87 5.59 -16.77
CA LEU A 110 -14.97 5.07 -15.98
C LEU A 110 -14.70 3.59 -15.69
N SER A 111 -14.79 3.23 -14.41
CA SER A 111 -14.57 1.86 -14.00
C SER A 111 -15.86 1.32 -13.41
N VAL A 112 -16.31 0.16 -13.89
CA VAL A 112 -17.62 -0.37 -13.51
C VAL A 112 -17.52 -1.84 -13.06
N ARG A 113 -18.12 -2.15 -11.92
CA ARG A 113 -18.15 -3.56 -11.48
C ARG A 113 -19.13 -4.38 -12.31
N ASP A 114 -18.63 -5.48 -12.88
CA ASP A 114 -19.35 -6.35 -13.80
C ASP A 114 -19.39 -7.77 -13.22
N TYR A 115 -20.30 -8.58 -13.75
CA TYR A 115 -20.32 -10.00 -13.40
C TYR A 115 -20.82 -10.80 -14.58
N ASP A 116 -20.16 -11.92 -14.85
CA ASP A 116 -20.70 -12.91 -15.77
C ASP A 116 -20.33 -14.29 -15.24
N PRO A 117 -21.13 -15.31 -15.59
CA PRO A 117 -20.86 -16.65 -15.04
C PRO A 117 -19.49 -17.20 -15.46
N ARG A 118 -19.02 -16.82 -16.64
CA ARG A 118 -17.74 -17.30 -17.13
C ARG A 118 -16.56 -16.73 -16.35
N GLN A 119 -16.50 -15.40 -16.24
CA GLN A 119 -15.34 -14.74 -15.64
C GLN A 119 -15.52 -14.38 -14.17
N GLY A 120 -16.76 -14.41 -13.68
CA GLY A 120 -16.99 -14.08 -12.28
C GLY A 120 -17.00 -12.57 -12.08
N ASP A 121 -16.55 -12.12 -10.91
CA ASP A 121 -16.50 -10.69 -10.60
C ASP A 121 -15.37 -10.02 -11.37
N THR A 122 -15.69 -8.98 -12.13
CA THR A 122 -14.66 -8.25 -12.88
C THR A 122 -14.93 -6.75 -12.83
N VAL A 123 -13.95 -5.98 -13.26
CA VAL A 123 -14.11 -4.54 -13.40
C VAL A 123 -13.77 -4.19 -14.84
N LYS A 124 -14.70 -3.50 -15.49
CA LYS A 124 -14.54 -3.06 -16.88
C LYS A 124 -14.19 -1.57 -16.88
N HIS A 125 -13.33 -1.16 -17.79
CA HIS A 125 -12.89 0.23 -17.86
C HIS A 125 -13.26 0.85 -19.20
N TYR A 126 -13.72 2.10 -19.16
CA TYR A 126 -14.09 2.83 -20.36
C TYR A 126 -13.36 4.18 -20.44
N LYS A 127 -12.91 4.51 -21.64
CA LYS A 127 -12.33 5.83 -21.90
C LYS A 127 -13.41 6.91 -21.98
N ILE A 128 -13.29 7.94 -21.14
CA ILE A 128 -14.15 9.10 -21.29
C ILE A 128 -13.33 10.15 -22.02
N ARG A 129 -13.76 10.48 -23.24
CA ARG A 129 -13.05 11.48 -24.02
C ARG A 129 -13.60 12.86 -23.75
N THR A 130 -12.72 13.86 -23.78
CA THR A 130 -13.16 15.25 -23.61
C THR A 130 -13.26 15.90 -24.98
N LEU A 131 -14.35 16.61 -25.22
CA LEU A 131 -14.54 17.30 -26.48
C LEU A 131 -13.69 18.57 -26.51
N ASP A 132 -13.23 18.96 -27.69
CA ASP A 132 -12.31 20.08 -27.84
C ASP A 132 -12.89 21.38 -27.29
N ASN A 133 -14.19 21.55 -27.49
CA ASN A 133 -14.88 22.78 -27.07
C ASN A 133 -15.75 22.58 -25.85
N GLY A 134 -15.50 21.52 -25.09
CA GLY A 134 -16.20 21.29 -23.84
C GLY A 134 -17.13 20.08 -23.84
N GLY A 135 -17.23 19.42 -22.69
CA GLY A 135 -18.09 18.26 -22.59
C GLY A 135 -17.36 16.94 -22.75
N PHE A 136 -18.10 15.85 -22.63
CA PHE A 136 -17.51 14.51 -22.53
C PHE A 136 -18.33 13.45 -23.30
N TYR A 137 -17.68 12.37 -23.71
CA TYR A 137 -18.40 11.20 -24.23
C TYR A 137 -17.61 9.90 -24.08
N ILE A 138 -18.32 8.79 -24.00
CA ILE A 138 -17.69 7.47 -24.13
C ILE A 138 -17.92 6.95 -25.53
N SER A 139 -19.17 7.07 -25.98
CA SER A 139 -19.55 6.76 -27.35
C SER A 139 -19.98 8.06 -28.03
N PRO A 140 -19.54 8.27 -29.27
CA PRO A 140 -19.76 9.53 -30.01
C PRO A 140 -21.23 9.92 -30.13
N ARG A 141 -22.11 8.94 -30.16
CA ARG A 141 -23.53 9.21 -30.33
C ARG A 141 -24.16 9.77 -29.06
N SER A 142 -23.41 9.75 -27.96
CA SER A 142 -23.92 10.17 -26.66
C SER A 142 -22.94 11.08 -25.93
N THR A 143 -23.07 12.39 -26.13
CA THR A 143 -22.18 13.36 -25.51
C THR A 143 -22.85 14.06 -24.32
N PHE A 144 -22.03 14.62 -23.44
CA PHE A 144 -22.53 15.28 -22.23
C PHE A 144 -21.78 16.56 -21.92
N SER A 145 -22.48 17.56 -21.38
CA SER A 145 -21.85 18.81 -20.96
C SER A 145 -20.96 18.61 -19.73
N THR A 146 -21.37 17.73 -18.83
CA THR A 146 -20.65 17.51 -17.57
C THR A 146 -20.54 16.01 -17.30
N LEU A 147 -19.63 15.64 -16.40
CA LEU A 147 -19.50 14.24 -16.00
C LEU A 147 -20.72 13.83 -15.18
N GLN A 148 -21.33 14.76 -14.46
CA GLN A 148 -22.54 14.46 -13.72
C GLN A 148 -23.65 14.01 -14.67
N GLU A 149 -23.73 14.65 -15.83
CA GLU A 149 -24.73 14.26 -16.83
C GLU A 149 -24.43 12.88 -17.39
N LEU A 150 -23.14 12.60 -17.59
CA LEU A 150 -22.71 11.27 -18.03
C LEU A 150 -23.16 10.21 -17.02
N VAL A 151 -22.83 10.43 -15.76
CA VAL A 151 -23.22 9.51 -14.70
C VAL A 151 -24.74 9.27 -14.66
N ASP A 152 -25.52 10.35 -14.70
CA ASP A 152 -26.97 10.23 -14.64
C ASP A 152 -27.52 9.47 -15.83
N HIS A 153 -26.92 9.68 -17.00
CA HIS A 153 -27.32 8.98 -18.20
C HIS A 153 -27.15 7.47 -18.05
N TYR A 154 -25.97 7.04 -17.61
CA TYR A 154 -25.71 5.61 -17.55
C TYR A 154 -26.26 4.98 -16.28
N LYS A 155 -26.77 5.81 -15.36
CA LYS A 155 -27.54 5.30 -14.22
C LYS A 155 -28.95 4.89 -14.67
N LYS A 156 -29.38 5.43 -15.81
CA LYS A 156 -30.74 5.16 -16.30
C LYS A 156 -30.80 3.94 -17.21
N GLY A 157 -29.67 3.57 -17.80
CA GLY A 157 -29.60 2.40 -18.66
C GLY A 157 -28.16 2.19 -19.11
N ASN A 158 -27.79 0.94 -19.38
CA ASN A 158 -26.40 0.66 -19.73
C ASN A 158 -25.98 1.36 -21.03
N ASP A 159 -26.87 1.40 -22.02
CA ASP A 159 -26.60 2.07 -23.29
C ASP A 159 -25.25 1.67 -23.89
N GLY A 160 -24.96 0.37 -23.88
CA GLY A 160 -23.71 -0.12 -24.42
C GLY A 160 -22.67 -0.55 -23.40
N LEU A 161 -22.72 0.04 -22.20
CA LEU A 161 -21.82 -0.38 -21.12
C LEU A 161 -22.15 -1.82 -20.72
N CYS A 162 -21.24 -2.45 -19.98
CA CYS A 162 -21.46 -3.80 -19.47
C CYS A 162 -22.66 -3.85 -18.51
N GLN A 163 -22.82 -2.79 -17.73
CA GLN A 163 -23.90 -2.70 -16.74
C GLN A 163 -24.45 -1.29 -16.63
N LYS A 164 -25.70 -1.17 -16.22
CA LYS A 164 -26.23 0.10 -15.79
C LYS A 164 -25.49 0.52 -14.51
N LEU A 165 -25.10 1.79 -14.41
CA LEU A 165 -24.42 2.25 -13.20
C LEU A 165 -25.39 2.22 -12.01
N SER A 166 -24.92 1.74 -10.86
CA SER A 166 -25.78 1.70 -9.67
C SER A 166 -25.38 2.80 -8.68
N VAL A 167 -24.43 2.50 -7.80
CA VAL A 167 -23.98 3.46 -6.81
C VAL A 167 -22.45 3.61 -6.87
N PRO A 168 -21.93 4.76 -6.41
CA PRO A 168 -20.47 4.91 -6.40
C PRO A 168 -19.78 3.85 -5.55
N CYS A 169 -18.54 3.54 -5.93
CA CYS A 169 -17.68 2.67 -5.15
C CYS A 169 -17.67 3.11 -3.70
N MET A 170 -17.79 2.17 -2.78
CA MET A 170 -17.74 2.50 -1.37
C MET A 170 -16.35 3.02 -1.00
N SER A 171 -16.30 3.86 0.04
CA SER A 171 -15.04 4.38 0.54
C SER A 171 -15.18 4.83 1.98
N SER A 172 -14.07 4.82 2.71
CA SER A 172 -14.04 5.29 4.09
C SER A 172 -13.31 6.62 4.15
N LYS A 173 -13.62 7.42 5.16
CA LYS A 173 -12.90 8.67 5.38
C LYS A 173 -11.42 8.36 5.56
N PRO A 174 -10.55 9.16 4.93
CA PRO A 174 -9.10 8.91 4.99
C PRO A 174 -8.56 9.07 6.39
N GLN A 175 -7.41 8.45 6.67
CA GLN A 175 -6.78 8.61 7.96
C GLN A 175 -6.36 10.06 8.16
N LYS A 176 -6.62 10.58 9.35
CA LYS A 176 -6.22 11.94 9.68
C LYS A 176 -4.71 12.02 9.63
N PRO A 177 -4.18 13.10 9.04
CA PRO A 177 -2.72 13.27 8.94
C PRO A 177 -2.08 13.33 10.31
N TRP A 178 -0.81 12.93 10.38
CA TRP A 178 -0.07 12.96 11.63
C TRP A 178 0.05 14.41 12.13
N GLU A 179 0.08 14.59 13.44
CA GLU A 179 0.26 15.90 14.05
C GLU A 179 1.40 16.67 13.38
N LYS A 180 1.16 17.94 13.10
CA LYS A 180 2.14 18.80 12.46
C LYS A 180 3.40 18.94 13.31
N ASP A 181 4.56 18.93 12.65
CA ASP A 181 5.85 19.10 13.32
C ASP A 181 6.03 18.18 14.53
N ALA A 182 5.58 16.95 14.39
CA ALA A 182 5.71 15.97 15.47
C ALA A 182 6.45 14.75 14.96
N TRP A 183 7.69 14.96 14.53
CA TRP A 183 8.52 13.89 13.98
C TRP A 183 9.32 13.22 15.09
N GLU A 184 10.15 13.98 15.79
CA GLU A 184 10.80 13.45 16.98
C GLU A 184 9.97 13.78 18.22
N ILE A 185 9.37 12.76 18.80
CA ILE A 185 8.40 12.94 19.89
C ILE A 185 8.94 12.44 21.22
N PRO A 186 8.44 13.02 22.32
CA PRO A 186 8.84 12.54 23.65
C PRO A 186 8.24 11.19 23.94
N ARG A 187 8.96 10.36 24.68
CA ARG A 187 8.53 9.02 25.01
C ARG A 187 7.22 9.04 25.77
N GLU A 188 7.04 10.07 26.60
CA GLU A 188 5.85 10.22 27.44
C GLU A 188 4.58 10.42 26.64
N SER A 189 4.71 10.80 25.37
CA SER A 189 3.53 10.98 24.52
C SER A 189 2.87 9.65 24.17
N LEU A 190 3.54 8.54 24.51
CA LEU A 190 3.07 7.21 24.13
C LEU A 190 2.66 6.37 25.33
N LYS A 191 1.44 5.84 25.29
CA LYS A 191 1.02 4.83 26.24
C LYS A 191 0.99 3.48 25.53
N LEU A 192 1.88 2.57 25.93
CA LEU A 192 1.92 1.23 25.35
C LEU A 192 0.81 0.39 25.95
N GLU A 193 -0.12 -0.08 25.12
CA GLU A 193 -1.33 -0.71 25.64
C GLU A 193 -1.34 -2.23 25.50
N LYS A 194 -0.93 -2.74 24.35
CA LYS A 194 -0.93 -4.19 24.14
C LYS A 194 0.30 -4.62 23.35
N LYS A 195 1.04 -5.57 23.90
CA LYS A 195 2.20 -6.14 23.20
C LYS A 195 1.74 -7.03 22.05
N LEU A 196 2.13 -6.69 20.83
CA LEU A 196 1.71 -7.45 19.66
C LEU A 196 2.69 -8.57 19.33
N GLY A 197 3.91 -8.45 19.82
CA GLY A 197 4.89 -9.50 19.60
C GLY A 197 6.28 -9.17 20.12
N ALA A 198 6.96 -10.21 20.60
CA ALA A 198 8.36 -10.12 20.95
C ALA A 198 9.13 -10.33 19.66
N GLY A 199 10.39 -9.91 19.65
CA GLY A 199 11.21 -10.08 18.48
C GLY A 199 12.67 -10.16 18.86
N GLN A 200 13.51 -10.49 17.87
CA GLN A 200 14.94 -10.62 18.09
C GLN A 200 15.54 -9.33 18.65
N PHE A 201 15.25 -8.21 17.97
CA PHE A 201 15.94 -6.98 18.30
C PHE A 201 15.02 -5.90 18.82
N GLY A 202 13.75 -6.25 19.01
CA GLY A 202 12.81 -5.29 19.54
C GLY A 202 11.43 -5.92 19.66
N GLU A 203 10.53 -5.20 20.30
CA GLU A 203 9.14 -5.65 20.43
C GLU A 203 8.22 -4.75 19.60
N VAL A 204 6.98 -5.15 19.44
CA VAL A 204 6.00 -4.29 18.80
C VAL A 204 4.77 -4.17 19.69
N TRP A 205 4.31 -2.94 19.86
CA TRP A 205 3.20 -2.64 20.76
C TRP A 205 2.09 -1.93 20.01
N MET A 206 0.84 -2.20 20.41
CA MET A 206 -0.23 -1.27 20.06
C MET A 206 -0.21 -0.19 21.14
N ALA A 207 -0.32 1.07 20.72
CA ALA A 207 -0.18 2.19 21.66
C ALA A 207 -1.08 3.35 21.31
N THR A 208 -1.25 4.26 22.26
CA THR A 208 -1.99 5.49 22.02
C THR A 208 -1.07 6.70 22.11
N TYR A 209 -1.11 7.55 21.09
CA TYR A 209 -0.31 8.76 21.04
C TYR A 209 -1.10 9.96 21.53
N ASN A 210 -0.63 10.59 22.60
CA ASN A 210 -1.29 11.74 23.22
C ASN A 210 -2.79 11.52 23.39
N LYS A 211 -3.13 10.37 23.96
CA LYS A 211 -4.49 10.02 24.34
C LYS A 211 -5.51 9.92 23.20
N HIS A 212 -5.13 10.29 21.98
CA HIS A 212 -6.14 10.43 20.93
C HIS A 212 -5.91 9.63 19.64
N THR A 213 -4.76 8.97 19.50
CA THR A 213 -4.47 8.30 18.23
C THR A 213 -3.89 6.91 18.45
N LYS A 214 -4.50 5.91 17.82
CA LYS A 214 -4.00 4.54 17.86
C LYS A 214 -2.85 4.38 16.88
N VAL A 215 -1.74 3.82 17.37
CA VAL A 215 -0.55 3.59 16.55
C VAL A 215 0.08 2.25 16.92
N ALA A 216 1.06 1.83 16.13
CA ALA A 216 1.94 0.78 16.57
C ALA A 216 3.31 1.37 16.88
N VAL A 217 3.99 0.76 17.84
CA VAL A 217 5.32 1.21 18.22
C VAL A 217 6.27 0.05 18.22
N LYS A 218 7.33 0.14 17.42
CA LYS A 218 8.41 -0.82 17.52
C LYS A 218 9.44 -0.30 18.51
N THR A 219 9.65 -1.07 19.57
CA THR A 219 10.51 -0.66 20.67
C THR A 219 11.79 -1.46 20.58
N MET A 220 12.87 -0.80 20.12
CA MET A 220 14.12 -1.49 19.86
C MET A 220 14.86 -1.77 21.17
N LYS A 221 15.49 -2.94 21.25
CA LYS A 221 16.18 -3.33 22.47
C LYS A 221 17.39 -2.45 22.73
N PRO A 222 17.71 -2.24 24.01
CA PRO A 222 18.91 -1.47 24.34
C PRO A 222 20.15 -2.10 23.69
N GLY A 223 21.01 -1.25 23.14
CA GLY A 223 22.22 -1.72 22.51
C GLY A 223 22.05 -2.00 21.03
N SER A 224 20.83 -1.91 20.53
CA SER A 224 20.58 -2.40 19.17
C SER A 224 20.85 -1.33 18.12
N MET A 225 20.70 -0.06 18.46
CA MET A 225 20.91 1.03 17.50
C MET A 225 21.39 2.29 18.20
N SER A 226 22.11 3.13 17.49
CA SER A 226 22.45 4.44 18.06
C SER A 226 21.63 5.53 17.41
N VAL A 227 21.48 6.62 18.14
CA VAL A 227 20.54 7.66 17.74
C VAL A 227 20.91 8.32 16.41
N GLU A 228 22.15 8.74 16.23
CA GLU A 228 22.48 9.50 15.02
C GLU A 228 22.43 8.64 13.75
N ALA A 229 22.91 7.40 13.84
CA ALA A 229 22.87 6.52 12.69
C ALA A 229 21.43 6.17 12.32
N PHE A 230 20.62 5.86 13.33
CA PHE A 230 19.23 5.56 13.06
C PHE A 230 18.50 6.76 12.44
N LEU A 231 18.67 7.93 13.02
CA LEU A 231 17.92 9.11 12.57
C LEU A 231 18.25 9.44 11.13
N ALA A 232 19.52 9.33 10.76
CA ALA A 232 19.94 9.57 9.39
C ALA A 232 19.13 8.70 8.43
N GLU A 233 18.98 7.42 8.78
CA GLU A 233 18.28 6.49 7.92
C GLU A 233 16.76 6.71 8.00
N ALA A 234 16.28 6.95 9.22
CA ALA A 234 14.84 7.15 9.41
C ALA A 234 14.36 8.39 8.66
N ASN A 235 15.22 9.39 8.56
CA ASN A 235 14.87 10.57 7.79
C ASN A 235 14.73 10.28 6.30
N VAL A 236 15.35 9.19 5.82
CA VAL A 236 15.11 8.74 4.46
C VAL A 236 13.83 7.87 4.41
N MET A 237 13.69 6.97 5.37
CA MET A 237 12.54 6.06 5.44
C MET A 237 11.23 6.83 5.40
N LYS A 238 11.17 7.93 6.13
CA LYS A 238 9.91 8.65 6.26
C LYS A 238 9.45 9.23 4.92
N THR A 239 10.39 9.43 4.00
CA THR A 239 10.07 9.99 2.68
C THR A 239 9.56 8.94 1.69
N LEU A 240 9.76 7.67 2.02
CA LEU A 240 9.29 6.60 1.14
C LEU A 240 7.78 6.36 1.33
N GLN A 241 6.98 7.30 0.85
CA GLN A 241 5.54 7.24 1.05
C GLN A 241 4.85 6.64 -0.17
N HIS A 242 4.09 5.59 0.09
CA HIS A 242 3.43 4.81 -0.95
C HIS A 242 2.36 3.96 -0.29
N ASP A 243 1.26 3.70 -1.00
CA ASP A 243 0.13 3.02 -0.37
C ASP A 243 0.50 1.60 0.09
N LYS A 244 1.54 1.03 -0.51
CA LYS A 244 1.91 -0.35 -0.17
C LYS A 244 3.17 -0.40 0.72
N LEU A 245 3.55 0.73 1.30
CA LEU A 245 4.56 0.76 2.37
C LEU A 245 3.89 1.29 3.65
N VAL A 246 4.22 0.68 4.79
CA VAL A 246 3.69 1.16 6.05
C VAL A 246 4.23 2.58 6.30
N LYS A 247 3.36 3.45 6.79
CA LYS A 247 3.77 4.82 7.01
C LYS A 247 4.48 5.00 8.36
N LEU A 248 5.64 5.64 8.33
CA LEU A 248 6.32 6.07 9.54
C LEU A 248 5.78 7.42 9.99
N HIS A 249 5.25 7.47 11.21
CA HIS A 249 4.69 8.71 11.74
C HIS A 249 5.73 9.53 12.51
N ALA A 250 6.49 8.84 13.36
CA ALA A 250 7.36 9.50 14.32
C ALA A 250 8.38 8.55 14.93
N VAL A 251 9.33 9.13 15.66
CA VAL A 251 10.38 8.38 16.32
C VAL A 251 10.70 8.99 17.68
N VAL A 252 11.12 8.14 18.61
CA VAL A 252 11.72 8.62 19.85
C VAL A 252 13.21 8.45 19.71
N THR A 253 13.92 9.57 19.62
CA THR A 253 15.34 9.53 19.29
C THR A 253 16.21 9.59 20.54
N LYS A 254 15.92 8.67 21.46
CA LYS A 254 16.71 8.45 22.65
C LYS A 254 16.66 6.95 22.93
N GLU A 255 17.78 6.38 23.35
CA GLU A 255 17.83 4.94 23.62
C GLU A 255 17.03 4.61 24.85
N PRO A 256 16.15 3.59 24.78
CA PRO A 256 15.90 2.72 23.61
C PRO A 256 14.99 3.37 22.57
N ILE A 257 15.42 3.29 21.32
CA ILE A 257 14.71 3.97 20.24
C ILE A 257 13.35 3.35 19.92
N TYR A 258 12.33 4.21 19.83
CA TYR A 258 10.98 3.80 19.40
C TYR A 258 10.69 4.29 17.98
N ILE A 259 10.06 3.42 17.19
CA ILE A 259 9.61 3.74 15.84
C ILE A 259 8.09 3.67 15.85
N ILE A 260 7.43 4.79 15.53
CA ILE A 260 5.97 4.87 15.58
C ILE A 260 5.40 4.85 14.16
N THR A 261 4.52 3.89 13.90
CA THR A 261 3.94 3.72 12.57
C THR A 261 2.43 3.58 12.64
N GLU A 262 1.78 3.54 11.49
CA GLU A 262 0.37 3.21 11.50
C GLU A 262 0.18 1.78 12.01
N PHE A 263 -0.95 1.54 12.69
CA PHE A 263 -1.29 0.22 13.22
C PHE A 263 -1.99 -0.61 12.15
N MET A 264 -1.56 -1.86 12.01
CA MET A 264 -2.14 -2.76 11.00
C MET A 264 -2.89 -3.90 11.68
N ALA A 265 -4.21 -3.96 11.47
CA ALA A 265 -5.06 -4.80 12.30
C ALA A 265 -4.86 -6.31 12.17
N LYS A 266 -4.32 -6.78 11.05
CA LYS A 266 -4.20 -8.22 10.86
C LYS A 266 -2.76 -8.71 10.96
N GLY A 267 -1.87 -7.88 11.50
CA GLY A 267 -0.51 -8.33 11.81
C GLY A 267 0.30 -8.53 10.55
N SER A 268 1.26 -9.46 10.59
CA SER A 268 2.05 -9.68 9.38
C SER A 268 1.28 -10.57 8.42
N LEU A 269 1.68 -10.54 7.16
CA LEU A 269 1.11 -11.44 6.16
C LEU A 269 1.36 -12.90 6.54
N LEU A 270 2.50 -13.17 7.18
CA LEU A 270 2.76 -14.52 7.66
C LEU A 270 1.71 -14.91 8.69
N ASP A 271 1.49 -14.05 9.69
CA ASP A 271 0.46 -14.29 10.69
C ASP A 271 -0.89 -14.53 10.04
N PHE A 272 -1.21 -13.69 9.06
CA PHE A 272 -2.52 -13.70 8.45
C PHE A 272 -2.74 -15.01 7.69
N LEU A 273 -1.72 -15.41 6.92
CA LEU A 273 -1.83 -16.63 6.12
C LEU A 273 -1.97 -17.86 7.00
N LYS A 274 -1.51 -17.74 8.25
CA LYS A 274 -1.55 -18.82 9.21
C LYS A 274 -2.77 -18.70 10.14
N SER A 275 -3.65 -17.76 9.85
CA SER A 275 -4.85 -17.58 10.69
C SER A 275 -6.07 -18.25 10.06
N ASP A 276 -7.14 -18.37 10.85
CA ASP A 276 -8.35 -18.97 10.29
C ASP A 276 -8.84 -18.22 9.05
N GLU A 277 -8.86 -16.89 9.12
CA GLU A 277 -9.35 -16.09 8.02
C GLU A 277 -8.43 -16.12 6.82
N GLY A 278 -7.14 -15.96 7.07
CA GLY A 278 -6.19 -15.83 5.99
C GLY A 278 -5.91 -17.12 5.25
N SER A 279 -5.98 -18.24 5.95
CA SER A 279 -5.76 -19.53 5.31
C SER A 279 -6.83 -19.84 4.28
N LYS A 280 -7.93 -19.10 4.33
CA LYS A 280 -9.04 -19.34 3.40
C LYS A 280 -9.05 -18.41 2.20
N GLN A 281 -8.08 -17.51 2.10
CA GLN A 281 -8.00 -16.63 0.94
C GLN A 281 -7.79 -17.46 -0.32
N PRO A 282 -8.60 -17.21 -1.37
CA PRO A 282 -8.39 -18.02 -2.57
C PRO A 282 -7.19 -17.57 -3.40
N LEU A 283 -6.76 -18.43 -4.30
CA LEU A 283 -5.56 -18.19 -5.10
C LEU A 283 -5.50 -16.79 -5.76
N PRO A 284 -6.60 -16.32 -6.39
CA PRO A 284 -6.48 -14.99 -7.00
C PRO A 284 -6.20 -13.86 -6.00
N LYS A 285 -6.66 -14.03 -4.76
CA LYS A 285 -6.37 -13.05 -3.72
C LYS A 285 -4.90 -13.14 -3.32
N LEU A 286 -4.37 -14.37 -3.25
CA LEU A 286 -2.93 -14.54 -2.98
C LEU A 286 -2.11 -13.86 -4.04
N ILE A 287 -2.54 -13.98 -5.28
CA ILE A 287 -1.83 -13.35 -6.38
C ILE A 287 -1.97 -11.83 -6.27
N ASP A 288 -3.13 -11.35 -5.83
CA ASP A 288 -3.28 -9.90 -5.64
C ASP A 288 -2.38 -9.39 -4.51
N PHE A 289 -2.26 -10.13 -3.40
CA PHE A 289 -1.31 -9.77 -2.34
C PHE A 289 0.10 -9.65 -2.93
N SER A 290 0.48 -10.63 -3.73
CA SER A 290 1.81 -10.68 -4.36
C SER A 290 2.02 -9.44 -5.21
N ALA A 291 0.97 -9.09 -5.96
CA ALA A 291 1.02 -7.88 -6.81
C ALA A 291 1.15 -6.60 -5.99
N GLN A 292 0.42 -6.51 -4.88
CA GLN A 292 0.50 -5.34 -4.00
C GLN A 292 1.91 -5.14 -3.46
N ILE A 293 2.51 -6.22 -3.00
CA ILE A 293 3.89 -6.17 -2.51
C ILE A 293 4.85 -5.77 -3.63
N ALA A 294 4.67 -6.37 -4.82
CA ALA A 294 5.53 -6.02 -5.95
C ALA A 294 5.42 -4.53 -6.29
N GLU A 295 4.23 -3.98 -6.15
CA GLU A 295 4.02 -2.55 -6.41
C GLU A 295 4.81 -1.69 -5.44
N GLY A 296 4.78 -2.09 -4.17
CA GLY A 296 5.55 -1.41 -3.15
C GLY A 296 7.05 -1.58 -3.40
N MET A 297 7.47 -2.77 -3.82
CA MET A 297 8.90 -2.96 -4.10
C MET A 297 9.34 -2.24 -5.38
N ALA A 298 8.41 -2.06 -6.32
CA ALA A 298 8.74 -1.30 -7.52
C ALA A 298 8.97 0.16 -7.16
N PHE A 299 8.19 0.67 -6.21
CA PHE A 299 8.40 2.01 -5.65
C PHE A 299 9.77 2.11 -4.97
N ILE A 300 10.09 1.14 -4.12
CA ILE A 300 11.40 1.12 -3.46
C ILE A 300 12.53 1.10 -4.51
N GLU A 301 12.37 0.30 -5.55
CA GLU A 301 13.32 0.24 -6.65
C GLU A 301 13.45 1.59 -7.37
N GLN A 302 12.32 2.22 -7.68
CA GLN A 302 12.34 3.52 -8.37
C GLN A 302 13.07 4.56 -7.54
N ARG A 303 12.98 4.44 -6.22
CA ARG A 303 13.60 5.39 -5.29
C ARG A 303 15.06 5.05 -4.93
N ASN A 304 15.62 4.06 -5.62
CA ASN A 304 16.99 3.59 -5.40
C ASN A 304 17.23 3.26 -3.92
N TYR A 305 16.28 2.55 -3.33
CA TYR A 305 16.39 2.11 -1.96
C TYR A 305 16.52 0.58 -1.95
N ILE A 306 16.83 0.03 -0.79
CA ILE A 306 17.01 -1.43 -0.63
C ILE A 306 16.28 -1.85 0.64
N HIS A 307 15.48 -2.91 0.55
CA HIS A 307 14.75 -3.34 1.72
C HIS A 307 15.67 -4.04 2.71
N ARG A 308 16.36 -5.07 2.21
CA ARG A 308 17.38 -5.87 2.92
C ARG A 308 16.83 -7.04 3.73
N ASP A 309 15.52 -7.11 3.96
CA ASP A 309 14.97 -8.20 4.77
C ASP A 309 13.53 -8.47 4.38
N LEU A 310 13.31 -8.69 3.09
CA LEU A 310 11.98 -8.92 2.56
C LEU A 310 11.56 -10.37 2.82
N ARG A 311 10.40 -10.53 3.46
CA ARG A 311 9.83 -11.85 3.78
C ARG A 311 8.42 -11.63 4.28
N ALA A 312 7.62 -12.70 4.39
CA ALA A 312 6.22 -12.50 4.76
C ALA A 312 6.02 -11.93 6.15
N ALA A 313 6.97 -12.17 7.06
CA ALA A 313 6.88 -11.61 8.41
C ALA A 313 7.06 -10.10 8.42
N ASN A 314 7.60 -9.54 7.34
CA ASN A 314 7.82 -8.10 7.23
C ASN A 314 6.87 -7.44 6.25
N ILE A 315 5.78 -8.13 5.92
CA ILE A 315 4.67 -7.51 5.21
C ILE A 315 3.55 -7.43 6.24
N LEU A 316 2.90 -6.28 6.36
CA LEU A 316 1.75 -6.14 7.27
C LEU A 316 0.46 -6.13 6.46
N VAL A 317 -0.63 -6.49 7.12
CA VAL A 317 -1.94 -6.56 6.46
C VAL A 317 -2.96 -5.71 7.24
N SER A 318 -3.65 -4.83 6.52
CA SER A 318 -4.61 -3.92 7.13
C SER A 318 -5.94 -4.62 7.34
N ALA A 319 -6.82 -3.93 8.06
CA ALA A 319 -8.16 -4.45 8.28
C ALA A 319 -8.89 -4.72 6.96
N SER A 320 -8.59 -3.94 5.93
CA SER A 320 -9.22 -4.12 4.63
C SER A 320 -8.36 -4.92 3.66
N LEU A 321 -7.41 -5.66 4.22
CA LEU A 321 -6.56 -6.59 3.48
C LEU A 321 -5.64 -5.91 2.47
N VAL A 322 -5.14 -4.73 2.82
CA VAL A 322 -4.09 -4.10 2.03
C VAL A 322 -2.75 -4.49 2.63
N CYS A 323 -1.83 -4.93 1.75
CA CYS A 323 -0.47 -5.29 2.16
C CYS A 323 0.42 -4.07 2.19
N LYS A 324 1.19 -3.94 3.26
CA LYS A 324 2.08 -2.80 3.43
C LYS A 324 3.43 -3.29 3.91
N ILE A 325 4.44 -2.98 3.11
CA ILE A 325 5.81 -3.40 3.38
C ILE A 325 6.32 -2.68 4.63
N ALA A 326 6.91 -3.45 5.54
CA ALA A 326 7.46 -2.90 6.78
C ALA A 326 8.96 -3.24 6.89
N ASP A 327 9.63 -2.56 7.81
CA ASP A 327 11.06 -2.80 8.12
C ASP A 327 11.98 -2.51 6.95
N PHE A 328 11.52 -1.72 5.98
CA PHE A 328 12.37 -1.39 4.84
C PHE A 328 13.58 -0.61 5.32
N GLY A 329 14.76 -1.13 5.01
CA GLY A 329 16.02 -0.49 5.39
C GLY A 329 16.48 -0.66 6.82
N LEU A 330 15.65 -1.26 7.67
CA LEU A 330 15.95 -1.28 9.10
C LEU A 330 17.19 -2.11 9.43
N ALA A 331 17.41 -3.18 8.69
CA ALA A 331 18.52 -4.06 9.00
C ALA A 331 19.85 -3.30 8.95
N ARG A 332 19.92 -2.29 8.08
CA ARG A 332 21.15 -1.51 7.91
C ARG A 332 21.58 -0.78 9.19
N VAL A 333 20.62 -0.42 10.04
CA VAL A 333 20.97 0.35 11.23
C VAL A 333 20.82 -0.42 12.54
N ILE A 334 20.64 -1.72 12.45
CA ILE A 334 20.77 -2.59 13.62
C ILE A 334 22.25 -2.91 13.79
N GLU A 335 22.81 -2.56 14.94
CA GLU A 335 24.27 -2.71 15.14
C GLU A 335 24.67 -4.16 15.45
N ASP A 336 25.90 -4.51 15.07
CA ASP A 336 26.46 -5.80 15.44
C ASP A 336 27.46 -5.59 16.60
N ASN A 337 27.07 -6.02 17.79
CA ASN A 337 27.90 -5.86 18.96
C ASN A 337 27.58 -6.97 19.96
N GLU A 338 28.12 -6.89 21.16
CA GLU A 338 27.87 -7.93 22.16
C GLU A 338 26.40 -8.06 22.53
N TYR A 339 25.66 -6.94 22.49
CA TYR A 339 24.25 -6.97 22.88
C TYR A 339 23.37 -7.67 21.85
N THR A 340 23.54 -7.35 20.58
CA THR A 340 22.69 -7.94 19.55
C THR A 340 23.14 -9.37 19.21
N ALA A 341 24.41 -9.69 19.44
CA ALA A 341 24.93 -11.02 19.06
C ALA A 341 24.21 -12.13 19.82
N ARG A 342 23.80 -11.84 21.05
CA ARG A 342 23.18 -12.88 21.86
C ARG A 342 21.75 -13.18 21.41
N GLU A 343 21.24 -12.39 20.46
CA GLU A 343 19.89 -12.61 19.95
C GLU A 343 19.84 -13.51 18.70
N GLY A 344 20.99 -14.05 18.29
CA GLY A 344 21.00 -14.97 17.16
C GLY A 344 21.25 -14.32 15.80
N ALA A 345 21.06 -15.10 14.74
CA ALA A 345 21.41 -14.68 13.38
C ALA A 345 20.63 -13.46 12.90
N LYS A 346 21.35 -12.55 12.23
CA LYS A 346 20.79 -11.27 11.85
C LYS A 346 19.83 -11.36 10.67
N PHE A 347 20.20 -12.15 9.67
CA PHE A 347 19.30 -12.38 8.55
C PHE A 347 19.13 -13.87 8.30
N PRO A 348 17.97 -14.25 7.76
CA PRO A 348 17.79 -15.70 7.58
C PRO A 348 18.36 -16.23 6.26
N ILE A 349 19.20 -17.26 6.36
CA ILE A 349 19.81 -17.87 5.18
C ILE A 349 18.80 -18.23 4.09
N LYS A 350 17.66 -18.81 4.47
CA LYS A 350 16.72 -19.32 3.45
C LYS A 350 16.05 -18.23 2.60
N TRP A 351 16.07 -16.99 3.07
CA TRP A 351 15.47 -15.88 2.32
C TRP A 351 16.49 -15.05 1.59
N THR A 352 17.77 -15.30 1.82
CA THR A 352 18.78 -14.34 1.41
C THR A 352 19.52 -14.78 0.14
N ALA A 353 19.71 -13.85 -0.78
CA ALA A 353 20.43 -14.14 -2.02
C ALA A 353 21.87 -14.60 -1.74
N PRO A 354 22.39 -15.51 -2.59
CA PRO A 354 23.72 -16.08 -2.34
C PRO A 354 24.83 -15.02 -2.29
N GLU A 355 24.75 -13.99 -3.14
CA GLU A 355 25.80 -12.97 -3.13
C GLU A 355 25.72 -12.12 -1.87
N ALA A 356 24.52 -11.97 -1.29
CA ALA A 356 24.43 -11.25 -0.02
C ALA A 356 25.03 -12.07 1.12
N ILE A 357 24.73 -13.36 1.15
CA ILE A 357 25.35 -14.23 2.14
C ILE A 357 26.87 -14.24 1.99
N ASN A 358 27.34 -14.43 0.76
CA ASN A 358 28.75 -14.75 0.54
C ASN A 358 29.63 -13.52 0.57
N PHE A 359 29.11 -12.39 0.09
CA PHE A 359 29.95 -11.19 -0.06
C PHE A 359 29.34 -9.93 0.54
N GLY A 360 28.19 -10.07 1.19
CA GLY A 360 27.55 -8.93 1.83
C GLY A 360 27.05 -7.93 0.81
N SER A 361 26.78 -8.42 -0.40
CA SER A 361 26.27 -7.57 -1.48
C SER A 361 24.75 -7.50 -1.45
N PHE A 362 24.23 -6.55 -0.69
CA PHE A 362 22.80 -6.29 -0.61
C PHE A 362 22.43 -5.19 -1.61
N THR A 363 21.51 -5.50 -2.51
CA THR A 363 21.10 -4.60 -3.57
C THR A 363 19.61 -4.82 -3.81
N ILE A 364 19.02 -4.03 -4.70
CA ILE A 364 17.64 -4.28 -5.10
C ILE A 364 17.52 -5.69 -5.71
N LYS A 365 18.58 -6.19 -6.31
CA LYS A 365 18.53 -7.53 -6.91
C LYS A 365 18.52 -8.61 -5.82
N SER A 366 19.19 -8.39 -4.70
CA SER A 366 19.05 -9.40 -3.63
C SER A 366 17.64 -9.33 -3.04
N ASP A 367 17.03 -8.15 -3.05
CA ASP A 367 15.60 -8.07 -2.68
C ASP A 367 14.72 -8.87 -3.65
N VAL A 368 15.05 -8.85 -4.93
CA VAL A 368 14.29 -9.61 -5.93
C VAL A 368 14.35 -11.10 -5.60
N TRP A 369 15.54 -11.61 -5.27
CA TRP A 369 15.65 -13.01 -4.83
C TRP A 369 14.71 -13.29 -3.66
N SER A 370 14.80 -12.44 -2.63
CA SER A 370 13.94 -12.58 -1.46
C SER A 370 12.46 -12.55 -1.80
N PHE A 371 12.07 -11.65 -2.71
CA PHE A 371 10.68 -11.61 -3.20
C PHE A 371 10.24 -12.96 -3.76
N GLY A 372 11.11 -13.65 -4.51
CA GLY A 372 10.76 -14.98 -4.98
C GLY A 372 10.45 -15.94 -3.83
N ILE A 373 11.28 -15.91 -2.80
CA ILE A 373 11.02 -16.73 -1.60
C ILE A 373 9.68 -16.34 -0.96
N LEU A 374 9.41 -15.03 -0.91
CA LEU A 374 8.16 -14.54 -0.38
C LEU A 374 6.95 -15.04 -1.19
N LEU A 375 7.08 -15.09 -2.51
CA LEU A 375 6.00 -15.65 -3.36
C LEU A 375 5.68 -17.08 -2.96
N MET A 376 6.73 -17.84 -2.73
CA MET A 376 6.54 -19.21 -2.28
C MET A 376 5.87 -19.27 -0.90
N GLU A 377 6.26 -18.37 0.03
CA GLU A 377 5.57 -18.29 1.32
C GLU A 377 4.09 -18.05 1.12
N ILE A 378 3.78 -17.14 0.21
CA ILE A 378 2.37 -16.79 -0.01
C ILE A 378 1.58 -17.98 -0.54
N VAL A 379 2.08 -18.66 -1.56
CA VAL A 379 1.26 -19.66 -2.22
C VAL A 379 1.19 -20.94 -1.36
N THR A 380 2.10 -21.09 -0.40
CA THR A 380 2.02 -22.21 0.55
C THR A 380 1.39 -21.83 1.89
N TYR A 381 0.78 -20.65 1.94
CA TYR A 381 0.17 -20.12 3.16
C TYR A 381 1.11 -20.16 4.35
N GLY A 382 2.37 -19.77 4.13
CA GLY A 382 3.29 -19.54 5.23
C GLY A 382 4.20 -20.70 5.60
N ARG A 383 4.33 -21.67 4.72
CA ARG A 383 5.26 -22.77 5.00
C ARG A 383 6.69 -22.25 5.04
N ILE A 384 7.52 -22.85 5.90
CA ILE A 384 8.97 -22.54 5.90
C ILE A 384 9.53 -22.79 4.48
N PRO A 385 10.42 -21.91 4.01
CA PRO A 385 11.13 -22.22 2.76
C PRO A 385 11.98 -23.50 2.91
N TYR A 386 12.15 -24.22 1.79
CA TYR A 386 13.00 -25.42 1.74
C TYR A 386 12.68 -26.41 2.85
N PRO A 387 11.43 -26.91 2.89
CA PRO A 387 11.08 -27.79 3.99
C PRO A 387 11.95 -29.05 3.96
N GLY A 388 12.33 -29.53 5.14
CA GLY A 388 13.16 -30.72 5.27
C GLY A 388 14.64 -30.47 5.09
N MET A 389 15.03 -29.23 4.80
CA MET A 389 16.44 -28.92 4.52
C MET A 389 17.08 -28.03 5.57
N SER A 390 18.34 -28.33 5.87
CA SER A 390 19.12 -27.49 6.78
C SER A 390 19.66 -26.31 6.01
N ASN A 391 20.19 -25.32 6.72
CA ASN A 391 20.77 -24.16 6.05
C ASN A 391 21.97 -24.51 5.17
N PRO A 392 22.90 -25.38 5.64
CA PRO A 392 23.98 -25.77 4.72
C PRO A 392 23.47 -26.48 3.49
N GLU A 393 22.43 -27.29 3.68
CA GLU A 393 21.86 -28.03 2.56
C GLU A 393 21.28 -27.07 1.51
N VAL A 394 20.58 -26.05 1.98
CA VAL A 394 20.03 -25.07 1.05
C VAL A 394 21.14 -24.38 0.26
N ILE A 395 22.17 -23.92 0.96
CA ILE A 395 23.25 -23.21 0.26
C ILE A 395 23.91 -24.09 -0.81
N ARG A 396 24.25 -25.33 -0.46
CA ARG A 396 24.91 -26.22 -1.42
C ARG A 396 23.98 -26.65 -2.57
N ALA A 397 22.70 -26.86 -2.28
CA ALA A 397 21.73 -27.22 -3.32
C ALA A 397 21.57 -26.08 -4.34
N LEU A 398 21.43 -24.86 -3.83
CA LEU A 398 21.31 -23.69 -4.70
C LEU A 398 22.50 -23.55 -5.65
N GLU A 399 23.70 -23.82 -5.12
CA GLU A 399 24.93 -23.72 -5.92
C GLU A 399 24.90 -24.67 -7.11
N ARG A 400 24.15 -25.76 -6.96
CA ARG A 400 24.04 -26.77 -8.01
C ARG A 400 22.75 -26.69 -8.82
N GLY A 401 22.07 -25.55 -8.77
CA GLY A 401 20.89 -25.34 -9.59
C GLY A 401 19.57 -25.87 -9.07
N TYR A 402 19.59 -26.42 -7.85
CA TYR A 402 18.35 -26.78 -7.19
C TYR A 402 17.59 -25.51 -6.88
N ARG A 403 16.28 -25.54 -7.08
CA ARG A 403 15.35 -24.51 -6.58
C ARG A 403 14.16 -25.25 -6.04
N MET A 404 13.47 -24.66 -5.06
CA MET A 404 12.22 -25.29 -4.59
C MET A 404 11.33 -25.64 -5.75
N PRO A 405 10.84 -26.88 -5.76
CA PRO A 405 9.91 -27.27 -6.83
C PRO A 405 8.55 -26.57 -6.69
N ARG A 406 7.82 -26.52 -7.79
CA ARG A 406 6.48 -25.94 -7.79
C ARG A 406 5.56 -26.72 -6.86
N PRO A 407 4.91 -26.03 -5.90
CA PRO A 407 4.03 -26.73 -4.98
C PRO A 407 2.66 -26.95 -5.59
N GLU A 408 1.81 -27.71 -4.92
CA GLU A 408 0.43 -27.81 -5.36
C GLU A 408 -0.27 -26.45 -5.28
N ASN A 409 -1.30 -26.32 -6.10
CA ASN A 409 -2.13 -25.11 -6.16
C ASN A 409 -1.29 -23.85 -6.39
N CYS A 410 -0.38 -23.94 -7.34
CA CYS A 410 0.48 -22.83 -7.76
C CYS A 410 0.43 -22.71 -9.27
N PRO A 411 -0.11 -21.59 -9.79
CA PRO A 411 -0.13 -21.42 -11.25
C PRO A 411 1.28 -21.49 -11.82
N GLU A 412 1.42 -22.12 -12.98
CA GLU A 412 2.76 -22.28 -13.52
C GLU A 412 3.44 -20.94 -13.76
N GLU A 413 2.69 -19.93 -14.20
CA GLU A 413 3.35 -18.66 -14.51
C GLU A 413 3.83 -17.95 -13.25
N LEU A 414 3.18 -18.20 -12.12
CA LEU A 414 3.66 -17.65 -10.86
C LEU A 414 4.99 -18.32 -10.50
N TYR A 415 5.07 -19.63 -10.69
CA TYR A 415 6.31 -20.35 -10.43
C TYR A 415 7.43 -19.86 -11.35
N ASN A 416 7.09 -19.59 -12.61
CA ASN A 416 8.08 -19.05 -13.54
C ASN A 416 8.66 -17.72 -13.07
N ILE A 417 7.81 -16.88 -12.48
CA ILE A 417 8.28 -15.62 -11.90
C ILE A 417 9.25 -15.89 -10.75
N MET A 418 8.91 -16.85 -9.89
CA MET A 418 9.83 -17.24 -8.80
C MET A 418 11.19 -17.65 -9.35
N MET A 419 11.19 -18.50 -10.38
CA MET A 419 12.46 -19.00 -10.93
C MET A 419 13.31 -17.86 -11.50
N ARG A 420 12.67 -16.86 -12.11
CA ARG A 420 13.39 -15.68 -12.60
C ARG A 420 14.02 -14.91 -11.45
N CYS A 421 13.30 -14.83 -10.33
CA CYS A 421 13.85 -14.16 -9.16
C CYS A 421 15.08 -14.86 -8.61
N TRP A 422 15.14 -16.17 -8.80
CA TRP A 422 16.18 -16.99 -8.20
C TRP A 422 17.32 -17.28 -9.17
N LYS A 423 17.53 -16.42 -10.16
CA LYS A 423 18.75 -16.57 -10.96
C LYS A 423 19.98 -16.37 -10.07
N ASN A 424 21.01 -17.19 -10.25
CA ASN A 424 22.16 -17.05 -9.37
C ASN A 424 22.90 -15.74 -9.66
N ARG A 425 22.90 -15.31 -10.92
CA ARG A 425 23.50 -14.02 -11.29
C ARG A 425 22.48 -12.89 -11.10
N PRO A 426 22.80 -11.94 -10.21
CA PRO A 426 21.82 -10.90 -9.88
C PRO A 426 21.35 -10.12 -11.09
N GLU A 427 22.25 -9.85 -12.04
CA GLU A 427 21.91 -9.04 -13.20
C GLU A 427 20.86 -9.72 -14.10
N GLU A 428 20.68 -11.03 -13.94
CA GLU A 428 19.74 -11.80 -14.76
C GLU A 428 18.33 -11.87 -14.12
N ARG A 429 18.22 -11.36 -12.91
CA ARG A 429 16.93 -11.28 -12.22
C ARG A 429 16.11 -10.12 -12.75
N PRO A 430 14.80 -10.29 -12.81
CA PRO A 430 13.96 -9.20 -13.36
C PRO A 430 13.93 -7.99 -12.46
N THR A 431 13.46 -6.86 -12.98
CA THR A 431 13.19 -5.71 -12.14
C THR A 431 11.84 -5.85 -11.43
N PHE A 432 11.65 -5.13 -10.33
CA PHE A 432 10.33 -5.08 -9.71
C PHE A 432 9.30 -4.43 -10.62
N GLU A 433 9.74 -3.48 -11.43
CA GLU A 433 8.88 -2.88 -12.45
C GLU A 433 8.28 -3.98 -13.34
N TYR A 434 9.13 -4.90 -13.78
CA TYR A 434 8.66 -6.03 -14.58
C TYR A 434 7.71 -6.93 -13.79
N ILE A 435 8.13 -7.28 -12.58
CA ILE A 435 7.33 -8.19 -11.75
C ILE A 435 5.96 -7.59 -11.44
N GLN A 436 5.96 -6.30 -11.10
CA GLN A 436 4.72 -5.56 -10.88
C GLN A 436 3.78 -5.68 -12.09
N SER A 437 4.33 -5.57 -13.29
CA SER A 437 3.51 -5.59 -14.49
C SER A 437 2.86 -6.95 -14.68
N VAL A 438 3.67 -8.01 -14.59
CA VAL A 438 3.16 -9.36 -14.80
C VAL A 438 2.16 -9.77 -13.72
N LEU A 439 2.38 -9.37 -12.47
CA LEU A 439 1.45 -9.77 -11.42
C LEU A 439 0.16 -8.95 -11.48
N ASP A 440 0.29 -7.65 -11.77
CA ASP A 440 -0.89 -6.79 -11.95
C ASP A 440 -1.82 -7.31 -13.05
N ASP A 441 -1.22 -7.88 -14.09
CA ASP A 441 -1.97 -8.31 -15.28
C ASP A 441 -2.12 -9.83 -15.34
N PHE A 442 -1.95 -10.49 -14.20
CA PHE A 442 -1.83 -11.94 -14.18
C PHE A 442 -2.97 -12.66 -14.86
N TYR A 443 -4.18 -12.19 -14.60
CA TYR A 443 -5.40 -12.84 -15.09
C TYR A 443 -6.01 -12.12 -16.28
N THR A 444 -5.62 -10.86 -16.47
CA THR A 444 -6.21 -10.01 -17.49
C THR A 444 -5.28 -9.85 -18.67
N ALA A 445 -4.22 -10.67 -18.71
CA ALA A 445 -3.33 -10.69 -19.86
C ALA A 445 -4.12 -11.14 -21.08
N THR A 446 -3.69 -10.69 -22.25
CA THR A 446 -4.38 -10.97 -23.52
C THR A 446 -5.82 -10.49 -23.49
N GLU A 447 -6.07 -9.39 -22.80
CA GLU A 447 -7.37 -8.74 -22.81
C GLU A 447 -7.25 -7.27 -23.14
N SER A 448 -8.32 -6.69 -23.67
CA SER A 448 -8.35 -5.27 -23.98
C SER A 448 -8.18 -4.46 -22.70
N GLN A 449 -7.32 -3.44 -22.75
CA GLN A 449 -7.21 -2.51 -21.64
C GLN A 449 -8.58 -1.92 -21.34
N GLU A 451 -12.82 -1.37 -22.69
CA GLU A 451 -13.92 -1.92 -23.47
C GLU A 451 -14.23 -1.03 -24.66
N GLU A 452 -14.16 -1.59 -25.85
CA GLU A 452 -14.47 -0.83 -27.07
C GLU A 452 -15.97 -0.80 -27.30
N ILE A 453 -16.63 0.18 -26.68
CA ILE A 453 -18.08 0.34 -26.77
C ILE A 453 -18.49 0.75 -28.18
N PRO A 454 -19.71 0.37 -28.62
CA PRO A 454 -20.19 0.87 -29.91
C PRO A 454 -20.59 2.34 -29.85
#